data_7G9P
#
_entry.id   7G9P
#
_cell.length_a   54.003
_cell.length_b   70.071
_cell.length_c   57.338
_cell.angle_alpha   90.000
_cell.angle_beta   92.160
_cell.angle_gamma   90.000
#
_symmetry.space_group_name_H-M   'P 1 21 1'
#
loop_
_entity.id
_entity.type
_entity.pdbx_description
1 polymer 'Serine protease NS3'
2 non-polymer 1,2-ETHANEDIOL
3 non-polymer 'PHOSPHATE ION'
4 non-polymer (4S)-2-METHYL-2,4-PENTANEDIOL
5 non-polymer 3-fluoro-N-(2-hydroxy-6-methylphenyl)pyridine-4-carboxamide
6 water water
#
_entity_poly.entity_id   1
_entity_poly.type   'polypeptide(L)'
_entity_poly.pdbx_seq_one_letter_code
;MLKKKQLTVLDLHPGAGKTRRVLPEIVREAIKKRLRTVILAPTRVVAAEMEEALRGLPVRYMTTAVNVTHSGTEIVDLMC
HATFTSRLLQPIRVPNYNLNIMDEAHFTDPSSIAARGYISTRVEMGEAAAIFMTATPPGTRDAFPDSNSPIMDTEVEVPE
RAWSSGFDWVTDHSGKTVWFVPSVRNGNEIAACLTKAGKRVIQLSRKTFETEFQKTKNQEWDFVITTDISEMGANFKADR
VIDSRRCLKPVILDGERVILAGPMPVTHASAAQRRGRIGRNPNKPGDEYMYGGGCAETDEGHAHWLEARMLLDNIYLQDG
LIASLYRPEADKVAAIEGEFKLRTEQRKTFVELMKRGDLPVWLAYQVASAGITYTDRRWCFDGTTNNTIMEDSVPAEVWT
KYGEKRVLKPRWMDARVCSDHAALKSFKEFAAGKR
;
_entity_poly.pdbx_strand_id   A
#
# COMPACT_ATOMS: atom_id res chain seq x y z
N MET A 1 14.00 -18.08 17.13
CA MET A 1 13.31 -17.11 16.28
C MET A 1 13.52 -15.67 16.79
N LEU A 2 13.60 -15.50 18.12
CA LEU A 2 13.74 -14.17 18.71
C LEU A 2 15.18 -13.71 18.96
N LYS A 3 16.17 -14.59 18.68
CA LYS A 3 17.60 -14.31 18.87
C LYS A 3 18.12 -13.22 17.92
N LYS A 4 19.10 -12.44 18.38
CA LYS A 4 19.74 -11.40 17.56
C LYS A 4 20.30 -11.99 16.25
N LYS A 5 20.41 -11.15 15.21
CA LYS A 5 20.91 -11.52 13.87
C LYS A 5 20.00 -12.49 13.11
N GLN A 6 18.79 -12.82 13.64
CA GLN A 6 17.90 -13.72 12.91
C GLN A 6 16.75 -12.97 12.22
N LEU A 7 16.51 -13.29 10.95
CA LEU A 7 15.37 -12.78 10.19
C LEU A 7 14.56 -14.00 9.77
N THR A 8 13.34 -14.12 10.28
CA THR A 8 12.49 -15.23 9.95
C THR A 8 11.33 -14.83 9.07
N VAL A 9 11.03 -15.63 8.04
CA VAL A 9 9.88 -15.36 7.20
C VAL A 9 8.82 -16.42 7.56
N LEU A 10 7.73 -16.00 8.21
CA LEU A 10 6.64 -16.89 8.59
C LEU A 10 5.70 -16.88 7.38
N ASP A 11 5.80 -17.93 6.56
CA ASP A 11 5.08 -18.00 5.30
C ASP A 11 3.93 -19.01 5.27
N LEU A 12 3.14 -19.11 6.35
CA LEU A 12 1.96 -19.97 6.34
C LEU A 12 0.96 -19.45 5.30
N HIS A 13 0.17 -20.36 4.70
CA HIS A 13 -0.84 -20.04 3.69
C HIS A 13 -1.87 -19.01 4.19
N PRO A 14 -2.56 -18.28 3.29
CA PRO A 14 -3.57 -17.31 3.74
C PRO A 14 -4.65 -17.96 4.63
N GLY A 15 -5.02 -17.28 5.72
CA GLY A 15 -6.00 -17.79 6.67
C GLY A 15 -5.49 -18.83 7.65
N ALA A 16 -4.17 -19.11 7.65
CA ALA A 16 -3.60 -20.13 8.53
C ALA A 16 -3.48 -19.71 10.01
N GLY A 17 -3.73 -18.44 10.32
CA GLY A 17 -3.69 -17.96 11.70
C GLY A 17 -2.46 -17.14 12.07
N LYS A 18 -1.79 -16.54 11.08
CA LYS A 18 -0.59 -15.74 11.39
C LYS A 18 -0.91 -14.57 12.36
N THR A 19 -2.00 -13.87 12.12
CA THR A 19 -2.35 -12.70 12.94
C THR A 19 -3.08 -13.04 14.24
N ARG A 20 -4.06 -13.97 14.20
CA ARG A 20 -4.85 -14.28 15.39
C ARG A 20 -4.25 -15.32 16.32
N ARG A 21 -3.35 -16.17 15.82
CA ARG A 21 -2.78 -17.22 16.66
C ARG A 21 -1.28 -17.09 16.90
N VAL A 22 -0.50 -16.90 15.83
CA VAL A 22 0.96 -16.85 15.95
C VAL A 22 1.47 -15.55 16.57
N LEU A 23 0.98 -14.41 16.07
CA LEU A 23 1.39 -13.10 16.58
C LEU A 23 1.27 -12.96 18.13
N PRO A 24 0.16 -13.34 18.80
CA PRO A 24 0.11 -13.23 20.27
C PRO A 24 1.14 -14.10 20.98
N GLU A 25 1.42 -15.31 20.44
CA GLU A 25 2.42 -16.23 20.99
C GLU A 25 3.79 -15.57 20.94
N ILE A 26 4.12 -14.94 19.78
CA ILE A 26 5.39 -14.23 19.61
C ILE A 26 5.51 -13.09 20.60
N VAL A 27 4.43 -12.30 20.75
CA VAL A 27 4.40 -11.14 21.64
C VAL A 27 4.61 -11.56 23.09
N ARG A 28 3.95 -12.65 23.52
CA ARG A 28 4.12 -13.17 24.88
C ARG A 28 5.57 -13.58 25.13
N GLU A 29 6.19 -14.27 24.14
CA GLU A 29 7.59 -14.68 24.29
C GLU A 29 8.54 -13.45 24.30
N ALA A 30 8.26 -12.43 23.49
CA ALA A 30 9.09 -11.20 23.46
C ALA A 30 9.02 -10.45 24.81
N ILE A 31 7.81 -10.35 25.40
CA ILE A 31 7.59 -9.72 26.71
C ILE A 31 8.32 -10.52 27.83
N LYS A 32 8.23 -11.85 27.83
CA LYS A 32 8.96 -12.71 28.79
C LYS A 32 10.48 -12.44 28.72
N LYS A 33 11.02 -12.21 27.51
CA LYS A 33 12.45 -11.95 27.32
C LYS A 33 12.87 -10.48 27.44
N ARG A 34 11.92 -9.59 27.77
CA ARG A 34 12.15 -8.17 27.89
C ARG A 34 12.72 -7.56 26.62
N LEU A 35 12.22 -8.01 25.46
CA LEU A 35 12.68 -7.45 24.18
C LEU A 35 11.80 -6.23 23.85
N ARG A 36 12.46 -5.07 23.61
CA ARG A 36 11.78 -3.85 23.15
C ARG A 36 11.33 -4.20 21.71
N THR A 37 10.02 -4.22 21.49
CA THR A 37 9.45 -4.74 20.24
C THR A 37 8.54 -3.80 19.48
N VAL A 38 8.63 -3.83 18.14
CA VAL A 38 7.67 -3.10 17.32
C VAL A 38 6.89 -4.09 16.47
N ILE A 39 5.58 -3.83 16.32
CA ILE A 39 4.64 -4.58 15.49
C ILE A 39 4.12 -3.62 14.41
N LEU A 40 4.38 -3.94 13.16
CA LEU A 40 4.02 -3.08 12.04
C LEU A 40 2.81 -3.59 11.25
N ALA A 41 1.67 -2.86 11.29
CA ALA A 41 0.42 -3.20 10.58
C ALA A 41 0.37 -2.46 9.22
N PRO A 42 -0.05 -3.07 8.10
CA PRO A 42 -0.06 -2.32 6.83
C PRO A 42 -1.06 -1.16 6.78
N THR A 43 -2.25 -1.36 7.39
CA THR A 43 -3.35 -0.40 7.42
C THR A 43 -3.96 -0.30 8.84
N ARG A 44 -4.74 0.78 9.05
CA ARG A 44 -5.43 0.99 10.31
CA ARG A 44 -5.44 1.00 10.31
C ARG A 44 -6.45 -0.12 10.56
N VAL A 45 -7.01 -0.72 9.50
CA VAL A 45 -7.97 -1.82 9.65
C VAL A 45 -7.28 -3.04 10.24
N VAL A 46 -6.05 -3.35 9.76
CA VAL A 46 -5.29 -4.48 10.29
C VAL A 46 -4.89 -4.19 11.74
N ALA A 47 -4.49 -2.94 12.04
CA ALA A 47 -4.13 -2.55 13.40
C ALA A 47 -5.28 -2.82 14.41
N ALA A 48 -6.54 -2.57 13.98
CA ALA A 48 -7.72 -2.82 14.83
C ALA A 48 -7.95 -4.31 15.03
N GLU A 49 -7.70 -5.12 14.01
CA GLU A 49 -7.83 -6.58 14.11
C GLU A 49 -6.76 -7.17 15.04
N MET A 50 -5.55 -6.56 15.02
CA MET A 50 -4.42 -6.95 15.87
C MET A 50 -4.71 -6.65 17.31
N GLU A 51 -5.36 -5.49 17.61
CA GLU A 51 -5.71 -5.18 19.00
C GLU A 51 -6.65 -6.25 19.58
N GLU A 52 -7.60 -6.73 18.77
CA GLU A 52 -8.52 -7.77 19.21
C GLU A 52 -7.78 -9.08 19.51
N ALA A 53 -6.79 -9.42 18.69
CA ALA A 53 -5.99 -10.63 18.90
C ALA A 53 -5.02 -10.49 20.08
N LEU A 54 -4.61 -9.26 20.41
CA LEU A 54 -3.62 -8.99 21.47
C LEU A 54 -4.22 -8.47 22.77
N ARG A 55 -5.55 -8.29 22.84
CA ARG A 55 -6.22 -7.74 24.02
C ARG A 55 -5.79 -8.39 25.34
N GLY A 56 -5.44 -7.55 26.31
CA GLY A 56 -4.97 -8.04 27.59
C GLY A 56 -3.47 -7.91 27.73
N LEU A 57 -2.73 -8.17 26.63
CA LEU A 57 -1.26 -8.05 26.55
C LEU A 57 -0.86 -6.56 26.58
N PRO A 58 0.23 -6.23 27.29
CA PRO A 58 0.64 -4.82 27.38
C PRO A 58 1.28 -4.29 26.09
N VAL A 59 0.45 -3.75 25.22
CA VAL A 59 0.93 -3.19 23.95
C VAL A 59 0.60 -1.68 23.87
N ARG A 60 1.54 -0.87 23.40
CA ARG A 60 1.34 0.57 23.25
C ARG A 60 0.95 0.82 21.79
N TYR A 61 -0.28 1.30 21.59
CA TYR A 61 -0.84 1.54 20.26
C TYR A 61 -0.55 2.95 19.81
N MET A 62 0.33 3.08 18.84
CA MET A 62 0.69 4.36 18.26
C MET A 62 -0.05 4.54 16.93
N THR A 63 -1.38 4.44 16.99
CA THR A 63 -2.30 4.55 15.86
C THR A 63 -3.68 5.02 16.37
N THR A 64 -4.43 5.82 15.55
CA THR A 64 -5.80 6.20 15.98
C THR A 64 -6.85 5.16 15.55
N ALA A 65 -6.43 4.02 14.98
CA ALA A 65 -7.30 2.93 14.56
C ALA A 65 -8.05 2.31 15.75
N VAL A 66 -7.44 2.36 16.94
CA VAL A 66 -8.03 1.75 18.12
C VAL A 66 -8.12 2.78 19.26
N ASN A 67 -8.98 2.50 20.24
CA ASN A 67 -9.13 3.39 21.40
C ASN A 67 -8.97 2.50 22.63
N VAL A 68 -7.79 2.56 23.25
CA VAL A 68 -7.43 1.70 24.39
C VAL A 68 -6.92 2.52 25.59
N THR A 69 -6.82 1.87 26.76
CA THR A 69 -6.30 2.50 27.97
C THR A 69 -4.88 1.97 28.18
N HIS A 70 -3.85 2.84 28.12
CA HIS A 70 -2.47 2.41 28.31
C HIS A 70 -2.03 2.52 29.78
N SER A 71 -0.98 1.79 30.16
CA SER A 71 -0.41 1.85 31.50
C SER A 71 0.87 2.74 31.57
N GLY A 72 1.55 2.91 30.43
CA GLY A 72 2.79 3.68 30.37
C GLY A 72 4.05 2.84 30.50
N THR A 73 3.93 1.58 30.93
CA THR A 73 5.07 0.68 31.09
C THR A 73 5.24 -0.35 29.96
N GLU A 74 4.45 -0.24 28.87
CA GLU A 74 4.56 -1.17 27.76
C GLU A 74 5.95 -1.10 27.11
N ILE A 75 6.50 -2.25 26.71
CA ILE A 75 7.75 -2.30 25.94
C ILE A 75 7.49 -2.80 24.49
N VAL A 76 6.22 -3.04 24.12
CA VAL A 76 5.84 -3.47 22.80
C VAL A 76 5.00 -2.33 22.20
N ASP A 77 5.43 -1.81 21.04
CA ASP A 77 4.77 -0.72 20.31
C ASP A 77 4.12 -1.27 19.04
N LEU A 78 2.95 -0.76 18.67
CA LEU A 78 2.25 -1.15 17.47
C LEU A 78 1.89 0.11 16.67
N MET A 79 2.30 0.13 15.40
CA MET A 79 2.05 1.24 14.50
C MET A 79 1.95 0.74 13.05
N CYS A 80 1.52 1.62 12.12
CA CYS A 80 1.43 1.21 10.71
C CYS A 80 2.80 1.25 10.07
N HIS A 81 2.98 0.51 8.94
CA HIS A 81 4.27 0.53 8.25
C HIS A 81 4.71 1.99 7.91
N ALA A 82 3.75 2.79 7.38
CA ALA A 82 4.03 4.19 6.99
C ALA A 82 4.47 5.07 8.15
N THR A 83 3.89 4.85 9.34
CA THR A 83 4.23 5.61 10.55
C THR A 83 5.66 5.33 10.99
N PHE A 84 6.08 4.07 10.94
CA PHE A 84 7.46 3.68 11.28
C PHE A 84 8.45 4.43 10.36
N THR A 85 8.21 4.37 9.04
CA THR A 85 9.10 5.02 8.08
C THR A 85 9.05 6.56 8.21
N SER A 86 7.88 7.14 8.51
CA SER A 86 7.73 8.58 8.69
C SER A 86 8.52 9.04 9.92
N ARG A 87 8.39 8.30 11.03
CA ARG A 87 9.10 8.64 12.25
C ARG A 87 10.61 8.50 12.08
N LEU A 88 11.08 7.51 11.29
CA LEU A 88 12.50 7.39 11.00
C LEU A 88 12.99 8.63 10.23
N LEU A 89 12.24 9.11 9.25
CA LEU A 89 12.60 10.28 8.44
C LEU A 89 12.56 11.60 9.23
N GLN A 90 11.61 11.74 10.14
CA GLN A 90 11.45 12.96 10.93
C GLN A 90 12.50 13.10 12.05
N PRO A 91 12.70 14.32 12.63
CA PRO A 91 13.66 14.47 13.74
C PRO A 91 13.02 14.07 15.07
N ILE A 92 12.42 12.88 15.08
CA ILE A 92 11.78 12.19 16.20
C ILE A 92 12.69 11.01 16.55
N ARG A 93 12.86 10.75 17.84
CA ARG A 93 13.70 9.65 18.31
C ARG A 93 12.89 8.36 18.21
N VAL A 94 13.43 7.37 17.50
CA VAL A 94 12.78 6.06 17.36
C VAL A 94 13.67 5.10 18.14
N PRO A 95 13.10 4.31 19.07
CA PRO A 95 13.93 3.35 19.81
C PRO A 95 14.55 2.33 18.85
N ASN A 96 15.69 1.78 19.19
CA ASN A 96 16.29 0.74 18.35
C ASN A 96 15.71 -0.58 18.83
N TYR A 97 14.54 -0.97 18.29
CA TYR A 97 13.82 -2.20 18.67
C TYR A 97 14.68 -3.46 18.56
N ASN A 98 14.66 -4.30 19.62
CA ASN A 98 15.37 -5.58 19.62
C ASN A 98 14.70 -6.57 18.65
N LEU A 99 13.37 -6.53 18.61
CA LEU A 99 12.54 -7.39 17.76
C LEU A 99 11.64 -6.52 16.87
N ASN A 100 11.62 -6.82 15.58
CA ASN A 100 10.83 -6.08 14.59
C ASN A 100 9.89 -7.05 13.90
N ILE A 101 8.59 -6.90 14.13
CA ILE A 101 7.61 -7.82 13.55
C ILE A 101 6.78 -7.11 12.50
N MET A 102 6.88 -7.54 11.23
CA MET A 102 6.11 -6.92 10.16
C MET A 102 5.01 -7.82 9.68
N ASP A 103 3.74 -7.45 9.92
CA ASP A 103 2.63 -8.25 9.38
C ASP A 103 2.31 -7.75 7.96
N GLU A 104 1.80 -8.65 7.10
CA GLU A 104 1.50 -8.43 5.67
C GLU A 104 2.71 -7.86 4.99
N ALA A 105 3.87 -8.52 5.27
CA ALA A 105 5.18 -8.11 4.82
C ALA A 105 5.36 -8.12 3.29
N HIS A 106 4.31 -8.45 2.52
CA HIS A 106 4.35 -8.41 1.06
C HIS A 106 3.97 -7.01 0.51
N PHE A 107 3.51 -6.07 1.38
CA PHE A 107 3.06 -4.75 0.98
C PHE A 107 4.10 -4.02 0.13
N THR A 108 3.74 -3.66 -1.12
CA THR A 108 4.71 -3.01 -2.01
C THR A 108 4.64 -1.46 -2.07
N ASP A 109 3.98 -0.81 -1.09
CA ASP A 109 4.01 0.65 -1.07
C ASP A 109 5.43 1.09 -0.64
N PRO A 110 5.92 2.21 -1.19
CA PRO A 110 7.31 2.63 -0.89
C PRO A 110 7.70 2.63 0.58
N SER A 111 6.82 3.12 1.48
CA SER A 111 7.16 3.15 2.90
C SER A 111 7.32 1.74 3.53
N SER A 112 6.61 0.75 2.97
CA SER A 112 6.71 -0.63 3.46
C SER A 112 8.02 -1.26 2.98
N ILE A 113 8.36 -1.04 1.69
CA ILE A 113 9.60 -1.52 1.13
C ILE A 113 10.80 -0.93 1.90
N ALA A 114 10.74 0.41 2.21
CA ALA A 114 11.81 1.09 2.93
C ALA A 114 11.88 0.49 4.35
N ALA A 115 10.75 0.32 5.05
CA ALA A 115 10.77 -0.31 6.38
C ALA A 115 11.49 -1.71 6.37
N ARG A 116 11.21 -2.56 5.36
CA ARG A 116 11.86 -3.88 5.22
C ARG A 116 13.38 -3.74 5.04
N GLY A 117 13.77 -2.72 4.29
CA GLY A 117 15.18 -2.44 4.04
C GLY A 117 15.92 -2.03 5.29
N TYR A 118 15.34 -1.09 6.04
CA TYR A 118 15.92 -0.61 7.28
C TYR A 118 16.02 -1.77 8.29
N ILE A 119 14.93 -2.52 8.49
CA ILE A 119 14.89 -3.63 9.43
C ILE A 119 15.91 -4.73 9.08
N SER A 120 15.90 -5.21 7.84
CA SER A 120 16.77 -6.32 7.37
C SER A 120 18.25 -5.95 7.44
N THR A 121 18.57 -4.67 7.20
CA THR A 121 19.92 -4.17 7.30
C THR A 121 20.38 -4.24 8.76
N ARG A 122 19.51 -3.77 9.70
CA ARG A 122 19.82 -3.87 11.14
C ARG A 122 20.06 -5.34 11.56
N VAL A 123 19.28 -6.29 11.03
CA VAL A 123 19.46 -7.71 11.32
C VAL A 123 20.81 -8.22 10.73
N GLU A 124 21.12 -7.87 9.47
CA GLU A 124 22.37 -8.26 8.80
C GLU A 124 23.58 -7.76 9.60
N MET A 125 23.48 -6.55 10.16
CA MET A 125 24.49 -5.94 11.03
C MET A 125 24.67 -6.64 12.38
N GLY A 126 23.74 -7.50 12.75
CA GLY A 126 23.78 -8.22 14.03
C GLY A 126 23.20 -7.43 15.19
N GLU A 127 22.45 -6.39 14.90
CA GLU A 127 21.91 -5.51 15.94
C GLU A 127 20.49 -5.81 16.38
N ALA A 128 19.76 -6.63 15.61
CA ALA A 128 18.35 -6.86 15.89
C ALA A 128 17.87 -8.20 15.31
N ALA A 129 16.65 -8.62 15.70
CA ALA A 129 15.92 -9.75 15.17
C ALA A 129 14.66 -9.21 14.43
N ALA A 130 14.15 -9.98 13.49
CA ALA A 130 12.97 -9.60 12.73
C ALA A 130 12.16 -10.80 12.29
N ILE A 131 10.84 -10.62 12.24
CA ILE A 131 9.91 -11.60 11.74
C ILE A 131 9.00 -10.92 10.68
N PHE A 132 9.06 -11.39 9.42
CA PHE A 132 8.23 -10.89 8.34
C PHE A 132 7.12 -11.94 8.12
N MET A 133 5.88 -11.57 8.41
CA MET A 133 4.76 -12.45 8.28
C MET A 133 4.05 -12.20 6.96
N THR A 134 4.06 -13.21 6.08
CA THR A 134 3.33 -13.18 4.80
C THR A 134 3.22 -14.54 4.16
N ALA A 135 2.06 -14.81 3.59
CA ALA A 135 1.84 -15.99 2.78
C ALA A 135 2.63 -15.93 1.46
N THR A 136 2.96 -14.71 0.98
CA THR A 136 3.59 -14.49 -0.32
C THR A 136 4.85 -13.64 -0.18
N PRO A 137 5.97 -14.22 0.28
CA PRO A 137 7.21 -13.45 0.39
C PRO A 137 7.71 -12.97 -0.97
N PRO A 138 8.59 -11.94 -1.02
CA PRO A 138 9.08 -11.46 -2.32
C PRO A 138 9.71 -12.54 -3.17
N GLY A 139 9.19 -12.74 -4.38
CA GLY A 139 9.71 -13.77 -5.27
C GLY A 139 8.85 -15.01 -5.43
N THR A 140 7.71 -15.07 -4.71
CA THR A 140 6.80 -16.22 -4.80
C THR A 140 6.25 -16.38 -6.24
N ARG A 141 6.19 -17.63 -6.71
CA ARG A 141 5.71 -17.94 -8.06
C ARG A 141 4.44 -18.80 -8.04
N ASP A 142 3.82 -18.99 -6.87
CA ASP A 142 2.61 -19.78 -6.76
C ASP A 142 1.39 -18.87 -6.54
N ALA A 143 0.59 -18.68 -7.59
CA ALA A 143 -0.64 -17.90 -7.49
C ALA A 143 -1.79 -18.71 -6.83
N PHE A 144 -1.64 -20.04 -6.66
CA PHE A 144 -2.69 -20.88 -6.08
C PHE A 144 -2.23 -21.62 -4.80
N PRO A 145 -1.91 -20.91 -3.71
CA PRO A 145 -1.46 -21.60 -2.49
C PRO A 145 -2.59 -22.33 -1.75
N ASP A 146 -2.23 -23.05 -0.70
CA ASP A 146 -3.20 -23.78 0.12
C ASP A 146 -4.24 -22.81 0.75
N SER A 147 -5.41 -23.33 1.12
CA SER A 147 -6.45 -22.55 1.77
C SER A 147 -7.14 -23.41 2.86
N ASN A 148 -7.94 -22.75 3.72
CA ASN A 148 -8.65 -23.50 4.79
C ASN A 148 -9.72 -24.42 4.22
N SER A 149 -10.33 -24.05 3.08
CA SER A 149 -11.29 -24.93 2.42
C SER A 149 -11.09 -24.88 0.90
N PRO A 150 -11.42 -25.98 0.18
CA PRO A 150 -11.18 -25.99 -1.26
C PRO A 150 -11.82 -24.82 -2.01
N ILE A 151 -11.13 -24.36 -3.05
CA ILE A 151 -11.57 -23.25 -3.89
C ILE A 151 -11.77 -23.74 -5.32
N MET A 152 -12.84 -23.28 -5.96
CA MET A 152 -13.08 -23.58 -7.38
C MET A 152 -12.35 -22.48 -8.21
N ASP A 153 -11.20 -22.80 -8.86
CA ASP A 153 -10.47 -21.81 -9.67
C ASP A 153 -10.91 -21.93 -11.13
N THR A 154 -11.35 -20.81 -11.73
CA THR A 154 -11.82 -20.77 -13.12
C THR A 154 -11.23 -19.61 -13.92
N GLU A 155 -10.52 -19.93 -15.02
CA GLU A 155 -10.02 -18.91 -15.92
C GLU A 155 -11.21 -18.52 -16.80
N VAL A 156 -11.56 -17.23 -16.81
CA VAL A 156 -12.72 -16.70 -17.55
C VAL A 156 -12.48 -15.24 -17.98
N GLU A 157 -13.15 -14.77 -19.05
CA GLU A 157 -13.03 -13.37 -19.46
C GLU A 157 -13.83 -12.53 -18.45
N VAL A 158 -13.18 -11.55 -17.84
CA VAL A 158 -13.78 -10.69 -16.81
C VAL A 158 -13.98 -9.28 -17.41
N PRO A 159 -15.17 -8.69 -17.28
CA PRO A 159 -15.38 -7.32 -17.78
C PRO A 159 -14.48 -6.28 -17.13
N GLU A 160 -13.96 -5.38 -17.96
CA GLU A 160 -13.23 -4.21 -17.46
C GLU A 160 -13.97 -2.89 -17.79
N ARG A 161 -15.18 -3.00 -18.39
CA ARG A 161 -16.04 -1.88 -18.77
C ARG A 161 -17.48 -2.30 -18.48
N ALA A 162 -18.45 -1.35 -18.62
CA ALA A 162 -19.86 -1.71 -18.52
C ALA A 162 -20.20 -2.68 -19.66
N TRP A 163 -21.17 -3.55 -19.43
CA TRP A 163 -21.56 -4.56 -20.41
C TRP A 163 -23.07 -4.63 -20.49
N SER A 164 -23.59 -5.13 -21.61
CA SER A 164 -25.03 -5.30 -21.82
C SER A 164 -25.41 -6.77 -22.00
N SER A 165 -24.44 -7.64 -22.32
CA SER A 165 -24.65 -9.06 -22.56
C SER A 165 -23.30 -9.84 -22.54
N GLY A 166 -23.39 -11.16 -22.46
CA GLY A 166 -22.22 -12.03 -22.53
C GLY A 166 -21.52 -12.33 -21.23
N PHE A 167 -22.00 -11.78 -20.10
CA PHE A 167 -21.39 -12.08 -18.79
C PHE A 167 -22.47 -12.43 -17.73
N ASP A 168 -23.47 -13.24 -18.12
CA ASP A 168 -24.57 -13.59 -17.21
C ASP A 168 -24.10 -14.15 -15.86
N TRP A 169 -22.98 -14.90 -15.84
CA TRP A 169 -22.42 -15.52 -14.62
C TRP A 169 -22.11 -14.51 -13.52
N VAL A 170 -21.75 -13.29 -13.91
CA VAL A 170 -21.43 -12.25 -12.95
C VAL A 170 -22.65 -11.87 -12.09
N THR A 171 -23.80 -11.59 -12.73
CA THR A 171 -24.98 -11.11 -12.02
C THR A 171 -25.95 -12.20 -11.58
N ASP A 172 -25.89 -13.38 -12.20
CA ASP A 172 -26.77 -14.48 -11.83
C ASP A 172 -26.43 -15.12 -10.46
N HIS A 173 -25.38 -14.66 -9.81
CA HIS A 173 -24.87 -15.12 -8.51
C HIS A 173 -25.67 -14.52 -7.35
N SER A 174 -25.99 -15.35 -6.35
CA SER A 174 -26.77 -14.90 -5.19
C SER A 174 -25.94 -14.66 -3.91
N GLY A 175 -24.62 -14.80 -4.00
CA GLY A 175 -23.76 -14.58 -2.84
C GLY A 175 -23.14 -13.20 -2.84
N LYS A 176 -22.01 -13.07 -2.15
CA LYS A 176 -21.26 -11.82 -2.02
C LYS A 176 -19.93 -12.01 -2.73
N THR A 177 -19.55 -11.02 -3.57
CA THR A 177 -18.37 -11.07 -4.44
C THR A 177 -17.44 -9.93 -4.14
N VAL A 178 -16.14 -10.23 -4.10
CA VAL A 178 -15.11 -9.20 -3.97
C VAL A 178 -14.43 -9.15 -5.35
N TRP A 179 -14.47 -8.01 -6.02
CA TRP A 179 -13.97 -7.86 -7.39
C TRP A 179 -12.81 -6.91 -7.39
N PHE A 180 -11.63 -7.39 -7.82
CA PHE A 180 -10.42 -6.59 -7.89
C PHE A 180 -10.29 -5.97 -9.27
N VAL A 181 -10.23 -4.66 -9.32
CA VAL A 181 -10.13 -3.85 -10.54
C VAL A 181 -8.75 -3.19 -10.67
N PRO A 182 -8.36 -2.85 -11.92
CA PRO A 182 -7.04 -2.24 -12.13
C PRO A 182 -6.90 -0.80 -11.62
N SER A 183 -8.02 -0.06 -11.51
CA SER A 183 -7.95 1.33 -11.06
C SER A 183 -9.28 1.83 -10.47
N VAL A 184 -9.25 2.97 -9.76
CA VAL A 184 -10.45 3.62 -9.22
C VAL A 184 -11.44 3.93 -10.37
N ARG A 185 -10.97 4.55 -11.47
CA ARG A 185 -11.83 4.88 -12.63
C ARG A 185 -12.49 3.65 -13.22
N ASN A 186 -11.74 2.54 -13.37
CA ASN A 186 -12.33 1.31 -13.90
CA ASN A 186 -12.28 1.28 -13.86
C ASN A 186 -13.38 0.78 -12.90
N GLY A 187 -13.09 0.86 -11.60
CA GLY A 187 -14.08 0.43 -10.60
C GLY A 187 -15.37 1.22 -10.64
N ASN A 188 -15.31 2.56 -10.88
CA ASN A 188 -16.51 3.42 -10.98
C ASN A 188 -17.48 2.96 -12.10
N GLU A 189 -16.94 2.62 -13.28
CA GLU A 189 -17.76 2.15 -14.42
C GLU A 189 -18.41 0.78 -14.13
N ILE A 190 -17.62 -0.14 -13.56
CA ILE A 190 -18.17 -1.47 -13.22
C ILE A 190 -19.22 -1.32 -12.11
N ALA A 191 -18.95 -0.50 -11.10
CA ALA A 191 -19.90 -0.29 -10.00
C ALA A 191 -21.19 0.32 -10.53
N ALA A 192 -21.09 1.33 -11.42
CA ALA A 192 -22.28 1.94 -12.01
C ALA A 192 -23.09 0.94 -12.81
N CYS A 193 -22.42 0.02 -13.51
CA CYS A 193 -23.09 -0.99 -14.31
C CYS A 193 -23.84 -1.95 -13.38
N LEU A 194 -23.19 -2.38 -12.28
CA LEU A 194 -23.81 -3.31 -11.33
C LEU A 194 -24.97 -2.62 -10.57
N THR A 195 -24.79 -1.36 -10.18
CA THR A 195 -25.86 -0.61 -9.50
C THR A 195 -27.12 -0.50 -10.38
N LYS A 196 -26.94 -0.23 -11.69
CA LYS A 196 -28.08 -0.16 -12.62
C LYS A 196 -28.80 -1.52 -12.75
N ALA A 197 -28.08 -2.63 -12.56
CA ALA A 197 -28.70 -3.96 -12.62
C ALA A 197 -29.35 -4.41 -11.29
N GLY A 198 -29.44 -3.51 -10.31
CA GLY A 198 -30.06 -3.81 -9.03
C GLY A 198 -29.14 -4.31 -7.93
N LYS A 199 -27.81 -4.24 -8.12
CA LYS A 199 -26.86 -4.71 -7.10
C LYS A 199 -26.47 -3.61 -6.12
N ARG A 200 -26.14 -4.01 -4.87
CA ARG A 200 -25.63 -3.12 -3.82
C ARG A 200 -24.12 -3.21 -3.82
N VAL A 201 -23.47 -2.11 -4.13
CA VAL A 201 -22.05 -2.06 -4.33
C VAL A 201 -21.35 -1.14 -3.36
N ILE A 202 -20.21 -1.58 -2.81
CA ILE A 202 -19.33 -0.77 -1.97
C ILE A 202 -18.01 -0.66 -2.73
N GLN A 203 -17.42 0.55 -2.83
CA GLN A 203 -16.15 0.73 -3.52
C GLN A 203 -15.04 1.04 -2.52
N LEU A 204 -13.88 0.40 -2.68
CA LEU A 204 -12.73 0.59 -1.82
C LEU A 204 -11.52 1.00 -2.62
N SER A 205 -10.73 1.94 -2.08
CA SER A 205 -9.48 2.46 -2.66
C SER A 205 -8.59 2.95 -1.49
N ARG A 206 -7.31 3.27 -1.74
CA ARG A 206 -6.42 3.71 -0.67
C ARG A 206 -6.95 4.87 0.19
N LYS A 207 -7.46 5.94 -0.44
CA LYS A 207 -7.93 7.12 0.28
C LYS A 207 -9.21 6.93 1.03
N THR A 208 -10.09 6.06 0.54
CA THR A 208 -11.39 5.85 1.17
C THR A 208 -11.49 4.55 2.00
N PHE A 209 -10.41 3.76 2.07
CA PHE A 209 -10.38 2.43 2.68
C PHE A 209 -11.02 2.32 4.09
N GLU A 210 -10.43 2.89 5.17
CA GLU A 210 -10.96 2.70 6.53
C GLU A 210 -12.44 2.99 6.67
N THR A 211 -12.90 4.10 6.06
CA THR A 211 -14.29 4.56 6.11
C THR A 211 -15.25 3.65 5.34
N GLU A 212 -14.93 3.32 4.09
CA GLU A 212 -15.81 2.50 3.26
C GLU A 212 -15.79 1.04 3.70
N PHE A 213 -14.65 0.54 4.22
CA PHE A 213 -14.54 -0.84 4.68
C PHE A 213 -15.53 -1.09 5.84
N GLN A 214 -15.76 -0.07 6.70
CA GLN A 214 -16.75 -0.21 7.80
C GLN A 214 -18.13 -0.58 7.27
N LYS A 215 -18.50 -0.08 6.07
CA LYS A 215 -19.78 -0.41 5.42
C LYS A 215 -19.92 -1.90 5.09
N THR A 216 -18.79 -2.61 4.83
CA THR A 216 -18.85 -4.05 4.56
C THR A 216 -19.36 -4.82 5.79
N LYS A 217 -19.20 -4.25 7.00
CA LYS A 217 -19.62 -4.83 8.27
C LYS A 217 -20.99 -4.28 8.75
N ASN A 218 -21.24 -2.99 8.50
CA ASN A 218 -22.45 -2.27 8.95
C ASN A 218 -23.71 -2.49 8.08
N GLN A 219 -23.55 -2.88 6.80
CA GLN A 219 -24.72 -3.05 5.93
C GLN A 219 -24.63 -4.25 4.96
N GLU A 220 -25.78 -4.69 4.42
CA GLU A 220 -25.79 -5.79 3.47
C GLU A 220 -25.36 -5.26 2.10
N TRP A 221 -24.59 -6.07 1.38
CA TRP A 221 -24.03 -5.72 0.09
C TRP A 221 -23.96 -6.96 -0.80
N ASP A 222 -23.86 -6.76 -2.11
CA ASP A 222 -23.74 -7.83 -3.07
C ASP A 222 -22.33 -7.85 -3.64
N PHE A 223 -21.74 -6.66 -3.90
CA PHE A 223 -20.41 -6.59 -4.45
C PHE A 223 -19.56 -5.59 -3.71
N VAL A 224 -18.28 -5.91 -3.56
CA VAL A 224 -17.24 -5.00 -3.13
C VAL A 224 -16.34 -4.84 -4.38
N ILE A 225 -16.13 -3.60 -4.81
CA ILE A 225 -15.28 -3.27 -5.97
C ILE A 225 -14.06 -2.65 -5.36
N THR A 226 -12.88 -3.23 -5.57
CA THR A 226 -11.68 -2.74 -4.90
C THR A 226 -10.45 -2.75 -5.75
N THR A 227 -9.52 -1.86 -5.40
CA THR A 227 -8.20 -1.85 -6.02
C THR A 227 -7.30 -2.84 -5.22
N ASP A 228 -6.02 -2.94 -5.54
CA ASP A 228 -5.04 -3.81 -4.91
C ASP A 228 -4.89 -3.59 -3.39
N ILE A 229 -5.46 -2.48 -2.84
CA ILE A 229 -5.33 -2.24 -1.40
C ILE A 229 -5.93 -3.38 -0.55
N SER A 230 -6.97 -4.05 -1.09
CA SER A 230 -7.59 -5.16 -0.35
C SER A 230 -6.74 -6.45 -0.34
N GLU A 231 -5.52 -6.44 -0.92
CA GLU A 231 -4.61 -7.58 -0.82
C GLU A 231 -3.88 -7.59 0.55
N MET A 232 -3.98 -6.51 1.34
CA MET A 232 -3.24 -6.38 2.58
C MET A 232 -4.04 -6.69 3.87
N GLY A 233 -4.50 -7.93 4.00
CA GLY A 233 -5.19 -8.37 5.21
C GLY A 233 -6.64 -7.98 5.39
N ALA A 234 -7.26 -7.32 4.40
CA ALA A 234 -8.69 -6.97 4.47
C ALA A 234 -9.49 -8.25 4.42
N ASN A 235 -10.38 -8.50 5.40
CA ASN A 235 -11.17 -9.73 5.39
C ASN A 235 -12.65 -9.46 5.15
N PHE A 236 -13.26 -10.34 4.35
CA PHE A 236 -14.65 -10.22 3.95
C PHE A 236 -15.38 -11.55 4.19
N LYS A 237 -16.70 -11.49 4.39
CA LYS A 237 -17.51 -12.69 4.56
C LYS A 237 -18.11 -12.87 3.17
N ALA A 238 -17.32 -13.39 2.23
CA ALA A 238 -17.77 -13.51 0.84
C ALA A 238 -17.62 -14.95 0.32
N ASP A 239 -18.27 -15.30 -0.80
CA ASP A 239 -18.13 -16.64 -1.37
C ASP A 239 -17.50 -16.64 -2.77
N ARG A 240 -17.12 -15.46 -3.31
CA ARG A 240 -16.53 -15.42 -4.63
C ARG A 240 -15.57 -14.25 -4.78
N VAL A 241 -14.50 -14.45 -5.51
CA VAL A 241 -13.60 -13.36 -5.87
C VAL A 241 -13.58 -13.33 -7.39
N ILE A 242 -13.79 -12.15 -7.97
CA ILE A 242 -13.65 -11.93 -9.40
C ILE A 242 -12.36 -11.11 -9.51
N ASP A 243 -11.40 -11.59 -10.28
CA ASP A 243 -10.11 -10.94 -10.36
C ASP A 243 -9.74 -10.66 -11.79
N SER A 244 -9.69 -9.34 -12.15
CA SER A 244 -9.24 -8.93 -13.48
C SER A 244 -7.81 -9.42 -13.75
N ARG A 245 -7.00 -9.64 -12.68
CA ARG A 245 -5.58 -10.02 -12.75
C ARG A 245 -4.77 -8.86 -13.34
N ARG A 246 -5.26 -7.60 -13.22
CA ARG A 246 -4.55 -6.46 -13.79
C ARG A 246 -4.38 -5.35 -12.80
N CYS A 247 -3.37 -4.51 -13.03
CA CYS A 247 -3.01 -3.41 -12.16
C CYS A 247 -2.36 -2.31 -13.02
N LEU A 248 -2.34 -1.08 -12.51
CA LEU A 248 -1.58 0.00 -13.15
C LEU A 248 -0.19 -0.05 -12.52
N LYS A 249 0.82 0.37 -13.28
CA LYS A 249 2.20 0.33 -12.81
C LYS A 249 2.80 1.73 -12.95
N PRO A 250 3.18 2.42 -11.85
CA PRO A 250 3.87 3.70 -11.99
C PRO A 250 5.25 3.43 -12.56
N VAL A 251 5.63 4.13 -13.65
CA VAL A 251 6.88 3.96 -14.34
C VAL A 251 7.54 5.34 -14.58
N ILE A 252 8.81 5.50 -14.19
CA ILE A 252 9.54 6.75 -14.42
C ILE A 252 10.11 6.70 -15.85
N LEU A 253 9.65 7.60 -16.72
CA LEU A 253 10.09 7.67 -18.12
C LEU A 253 11.17 8.71 -18.28
N ASP A 254 12.32 8.33 -18.85
CA ASP A 254 13.46 9.20 -19.12
C ASP A 254 13.98 9.94 -17.89
N GLY A 255 13.77 9.37 -16.71
CA GLY A 255 14.14 10.00 -15.44
C GLY A 255 13.48 11.35 -15.19
N GLU A 256 12.43 11.69 -15.95
CA GLU A 256 11.83 13.03 -15.86
C GLU A 256 10.32 13.12 -15.63
N ARG A 257 9.59 12.01 -15.71
CA ARG A 257 8.14 12.05 -15.48
C ARG A 257 7.66 10.69 -15.02
N VAL A 258 6.52 10.64 -14.35
CA VAL A 258 5.94 9.34 -13.94
C VAL A 258 4.64 9.18 -14.69
N ILE A 259 4.48 8.03 -15.36
CA ILE A 259 3.23 7.71 -16.01
C ILE A 259 2.63 6.47 -15.31
N LEU A 260 1.32 6.27 -15.46
CA LEU A 260 0.65 5.07 -14.97
C LEU A 260 0.48 4.13 -16.18
N ALA A 261 1.39 3.17 -16.32
CA ALA A 261 1.40 2.25 -17.44
C ALA A 261 0.41 1.12 -17.22
N GLY A 262 -0.10 0.58 -18.31
CA GLY A 262 -1.03 -0.53 -18.25
C GLY A 262 -2.46 -0.16 -18.57
N PRO A 263 -3.47 -0.91 -18.04
CA PRO A 263 -3.40 -2.04 -17.10
C PRO A 263 -2.53 -3.20 -17.61
N MET A 264 -1.78 -3.79 -16.71
CA MET A 264 -0.90 -4.92 -17.04
C MET A 264 -1.04 -6.06 -16.00
N PRO A 265 -0.45 -7.26 -16.24
CA PRO A 265 -0.68 -8.36 -15.28
C PRO A 265 -0.18 -8.11 -13.85
N VAL A 266 -0.88 -8.66 -12.85
CA VAL A 266 -0.42 -8.59 -11.47
C VAL A 266 0.72 -9.61 -11.26
N THR A 267 1.47 -9.50 -10.14
CA THR A 267 2.47 -10.51 -9.78
C THR A 267 1.74 -11.76 -9.25
N HIS A 268 2.47 -12.88 -9.13
CA HIS A 268 1.93 -14.11 -8.52
C HIS A 268 1.55 -13.85 -7.06
N ALA A 269 2.33 -13.04 -6.32
CA ALA A 269 2.00 -12.73 -4.92
C ALA A 269 0.66 -11.98 -4.84
N SER A 270 0.43 -10.98 -5.72
CA SER A 270 -0.83 -10.20 -5.70
C SER A 270 -1.97 -11.13 -6.07
N ALA A 271 -1.80 -11.97 -7.09
CA ALA A 271 -2.85 -12.95 -7.48
C ALA A 271 -3.21 -13.89 -6.33
N ALA A 272 -2.21 -14.39 -5.59
CA ALA A 272 -2.47 -15.30 -4.47
C ALA A 272 -3.18 -14.55 -3.35
N GLN A 273 -2.83 -13.28 -3.10
CA GLN A 273 -3.49 -12.48 -2.05
C GLN A 273 -4.96 -12.16 -2.37
N ARG A 274 -5.25 -11.87 -3.64
CA ARG A 274 -6.61 -11.57 -4.14
C ARG A 274 -7.44 -12.82 -3.99
N ARG A 275 -6.91 -13.94 -4.46
CA ARG A 275 -7.58 -15.25 -4.34
C ARG A 275 -7.79 -15.61 -2.87
N GLY A 276 -6.80 -15.32 -2.02
CA GLY A 276 -6.77 -15.63 -0.59
C GLY A 276 -7.86 -14.98 0.24
N ARG A 277 -8.63 -14.03 -0.38
CA ARG A 277 -9.77 -13.43 0.33
C ARG A 277 -10.86 -14.46 0.58
N ILE A 278 -10.94 -15.53 -0.25
CA ILE A 278 -11.98 -16.56 -0.07
C ILE A 278 -11.34 -17.94 0.22
N GLY A 279 -12.15 -18.94 0.54
CA GLY A 279 -11.65 -20.25 0.91
C GLY A 279 -11.12 -20.24 2.34
N ARG A 280 -11.44 -19.19 3.14
CA ARG A 280 -10.95 -19.00 4.50
C ARG A 280 -11.76 -19.75 5.55
N ASN A 281 -13.01 -20.16 5.23
CA ASN A 281 -13.85 -20.88 6.21
C ASN A 281 -13.84 -22.40 5.93
N PRO A 282 -13.25 -23.20 6.84
CA PRO A 282 -13.20 -24.66 6.61
C PRO A 282 -14.58 -25.34 6.53
N ASN A 283 -15.62 -24.68 7.06
CA ASN A 283 -16.99 -25.17 7.01
C ASN A 283 -17.74 -24.78 5.72
N LYS A 284 -17.15 -23.95 4.85
CA LYS A 284 -17.82 -23.51 3.61
C LYS A 284 -16.93 -23.75 2.40
N PRO A 285 -16.92 -24.98 1.90
CA PRO A 285 -16.09 -25.28 0.73
C PRO A 285 -16.78 -24.78 -0.55
N GLY A 286 -16.01 -24.69 -1.62
CA GLY A 286 -16.56 -24.30 -2.90
C GLY A 286 -16.69 -22.81 -3.12
N ASP A 287 -15.91 -22.01 -2.36
CA ASP A 287 -15.83 -20.56 -2.68
C ASP A 287 -15.20 -20.44 -4.10
N GLU A 288 -15.60 -19.45 -4.88
CA GLU A 288 -15.16 -19.37 -6.27
C GLU A 288 -14.10 -18.32 -6.53
N TYR A 289 -13.14 -18.61 -7.43
CA TYR A 289 -12.15 -17.62 -7.81
C TYR A 289 -12.12 -17.58 -9.34
N MET A 290 -12.63 -16.48 -9.91
CA MET A 290 -12.73 -16.29 -11.35
C MET A 290 -11.64 -15.35 -11.74
N TYR A 291 -10.71 -15.76 -12.61
CA TYR A 291 -9.58 -14.89 -12.94
C TYR A 291 -9.46 -14.63 -14.46
N GLY A 292 -9.23 -13.35 -14.83
CA GLY A 292 -9.25 -12.91 -16.22
C GLY A 292 -7.94 -12.65 -16.95
N GLY A 293 -6.86 -13.26 -16.48
CA GLY A 293 -5.56 -13.11 -17.11
C GLY A 293 -4.47 -13.84 -16.35
N GLY A 294 -3.26 -13.85 -16.91
CA GLY A 294 -2.13 -14.51 -16.27
C GLY A 294 -1.36 -13.56 -15.36
N CYS A 295 -0.29 -14.06 -14.73
CA CYS A 295 0.58 -13.29 -13.83
C CYS A 295 1.89 -12.99 -14.52
N ALA A 296 2.53 -11.90 -14.12
CA ALA A 296 3.87 -11.57 -14.61
C ALA A 296 4.61 -10.78 -13.54
N GLU A 297 5.96 -10.75 -13.59
CA GLU A 297 6.69 -10.01 -12.57
CA GLU A 297 6.81 -10.03 -12.64
C GLU A 297 6.74 -8.51 -12.95
N THR A 298 5.56 -7.89 -12.81
CA THR A 298 5.42 -6.47 -13.14
C THR A 298 5.98 -5.53 -12.05
N ASP A 299 6.58 -6.10 -10.97
CA ASP A 299 7.25 -5.29 -9.96
C ASP A 299 8.66 -4.88 -10.40
N GLU A 300 9.21 -5.53 -11.44
CA GLU A 300 10.50 -5.13 -12.00
C GLU A 300 10.32 -3.79 -12.70
N GLY A 301 11.10 -2.80 -12.34
CA GLY A 301 11.01 -1.48 -12.97
C GLY A 301 9.88 -0.60 -12.47
N HIS A 302 9.13 -1.06 -11.43
CA HIS A 302 7.97 -0.35 -10.86
C HIS A 302 8.54 0.80 -9.99
N ALA A 303 7.99 2.03 -10.12
CA ALA A 303 8.51 3.23 -9.40
C ALA A 303 8.62 3.07 -7.88
N HIS A 304 7.76 2.24 -7.27
CA HIS A 304 7.78 2.08 -5.83
C HIS A 304 9.15 1.65 -5.27
N TRP A 305 9.94 0.85 -6.02
CA TRP A 305 11.24 0.40 -5.53
C TRP A 305 12.28 1.51 -5.60
N LEU A 306 12.20 2.36 -6.64
CA LEU A 306 13.08 3.53 -6.77
C LEU A 306 12.68 4.51 -5.62
N GLU A 307 11.37 4.70 -5.38
CA GLU A 307 10.90 5.57 -4.31
C GLU A 307 11.36 5.08 -2.91
N ALA A 308 11.37 3.76 -2.68
CA ALA A 308 11.84 3.19 -1.41
C ALA A 308 13.34 3.55 -1.21
N ARG A 309 14.15 3.53 -2.31
CA ARG A 309 15.54 3.96 -2.25
C ARG A 309 15.68 5.47 -1.88
N MET A 310 14.80 6.34 -2.40
CA MET A 310 14.82 7.77 -2.07
C MET A 310 14.57 7.96 -0.57
N LEU A 311 13.66 7.15 0.01
CA LEU A 311 13.36 7.24 1.42
C LEU A 311 14.55 6.71 2.28
N LEU A 312 15.12 5.53 1.91
CA LEU A 312 16.23 4.93 2.65
C LEU A 312 17.49 5.76 2.59
N ASP A 313 17.71 6.47 1.48
CA ASP A 313 18.85 7.37 1.40
C ASP A 313 18.79 8.53 2.37
N ASN A 314 17.59 8.85 2.86
CA ASN A 314 17.40 9.98 3.75
C ASN A 314 17.06 9.56 5.19
N ILE A 315 17.34 8.31 5.56
CA ILE A 315 17.14 7.82 6.91
C ILE A 315 18.53 7.56 7.51
N TYR A 316 18.81 8.13 8.68
CA TYR A 316 20.10 7.87 9.35
C TYR A 316 20.14 6.44 9.87
N LEU A 317 21.25 5.74 9.65
CA LEU A 317 21.47 4.37 10.11
C LEU A 317 22.66 4.33 11.10
N GLN A 318 23.84 4.79 10.66
CA GLN A 318 25.10 4.84 11.40
C GLN A 318 26.08 5.64 10.54
N ASP A 319 26.60 6.78 11.03
CA ASP A 319 27.49 7.70 10.30
C ASP A 319 26.99 7.94 8.84
N GLY A 320 27.79 7.64 7.82
CA GLY A 320 27.36 7.79 6.45
C GLY A 320 26.82 6.53 5.82
N LEU A 321 26.66 5.43 6.60
CA LEU A 321 26.12 4.17 6.08
C LEU A 321 24.66 4.32 5.69
N ILE A 322 24.23 3.56 4.68
CA ILE A 322 22.88 3.67 4.16
C ILE A 322 22.24 2.28 4.06
N ALA A 323 21.01 2.15 4.55
CA ALA A 323 20.33 0.86 4.56
C ALA A 323 20.03 0.36 3.16
N SER A 324 20.28 -0.92 2.93
CA SER A 324 20.01 -1.55 1.64
C SER A 324 18.58 -2.05 1.63
N LEU A 325 18.01 -2.30 0.43
CA LEU A 325 16.70 -2.94 0.35
C LEU A 325 16.83 -4.41 0.79
N TYR A 326 15.73 -5.00 1.26
CA TYR A 326 15.64 -6.42 1.63
C TYR A 326 16.09 -7.26 0.40
N ARG A 327 17.11 -8.11 0.60
CA ARG A 327 17.75 -8.88 -0.47
C ARG A 327 16.79 -9.49 -1.55
N PRO A 328 15.70 -10.23 -1.24
CA PRO A 328 14.86 -10.77 -2.33
C PRO A 328 14.16 -9.75 -3.22
N GLU A 329 14.15 -8.46 -2.84
CA GLU A 329 13.54 -7.43 -3.67
C GLU A 329 14.53 -6.32 -4.08
N ALA A 330 15.83 -6.49 -3.76
CA ALA A 330 16.85 -5.50 -4.07
C ALA A 330 17.25 -5.39 -5.55
N ASP A 331 16.84 -6.36 -6.40
CA ASP A 331 17.15 -6.28 -7.84
C ASP A 331 16.02 -5.69 -8.67
N LYS A 332 14.91 -5.25 -8.05
CA LYS A 332 13.79 -4.67 -8.79
C LYS A 332 14.08 -3.26 -9.32
N VAL A 333 15.12 -2.60 -8.81
CA VAL A 333 15.49 -1.25 -9.22
C VAL A 333 16.99 -1.15 -9.48
N ALA A 334 17.39 -0.41 -10.52
CA ALA A 334 18.80 -0.22 -10.82
C ALA A 334 19.20 1.12 -10.22
N ALA A 335 19.27 1.19 -8.89
CA ALA A 335 19.62 2.43 -8.20
C ALA A 335 20.90 2.28 -7.40
N ILE A 336 21.62 3.39 -7.24
CA ILE A 336 22.88 3.43 -6.50
C ILE A 336 22.59 3.86 -5.05
N GLU A 337 22.97 3.04 -4.06
CA GLU A 337 22.76 3.41 -2.65
C GLU A 337 23.45 4.73 -2.31
N GLY A 338 22.66 5.67 -1.84
CA GLY A 338 23.11 7.02 -1.51
C GLY A 338 22.93 8.09 -2.58
N GLU A 339 22.52 7.71 -3.83
CA GLU A 339 22.38 8.70 -4.89
C GLU A 339 21.28 9.75 -4.60
N PHE A 340 20.29 9.41 -3.75
CA PHE A 340 19.21 10.35 -3.41
C PHE A 340 19.37 11.03 -2.04
N LYS A 341 20.55 10.91 -1.42
CA LYS A 341 20.81 11.52 -0.12
C LYS A 341 20.79 13.04 -0.27
N LEU A 342 19.94 13.71 0.49
CA LEU A 342 19.79 15.17 0.44
C LEU A 342 20.48 15.85 1.61
N ARG A 343 20.87 17.12 1.40
CA ARG A 343 21.42 17.93 2.49
C ARG A 343 20.27 18.30 3.46
N THR A 344 20.63 18.68 4.69
CA THR A 344 19.70 18.94 5.79
C THR A 344 18.42 19.73 5.41
N GLU A 345 18.55 20.93 4.83
CA GLU A 345 17.36 21.74 4.50
C GLU A 345 16.51 21.12 3.39
N GLN A 346 17.15 20.54 2.37
CA GLN A 346 16.39 19.91 1.29
C GLN A 346 15.70 18.65 1.81
N ARG A 347 16.30 17.94 2.79
CA ARG A 347 15.70 16.75 3.37
C ARG A 347 14.44 17.12 4.12
N LYS A 348 14.46 18.23 4.86
CA LYS A 348 13.28 18.69 5.60
C LYS A 348 12.13 19.06 4.61
N THR A 349 12.47 19.69 3.50
CA THR A 349 11.48 20.06 2.47
C THR A 349 10.85 18.76 1.89
N PHE A 350 11.70 17.76 1.59
CA PHE A 350 11.28 16.46 1.03
C PHE A 350 10.29 15.77 1.94
N VAL A 351 10.60 15.73 3.23
CA VAL A 351 9.70 15.15 4.23
C VAL A 351 8.36 15.93 4.33
N GLU A 352 8.41 17.27 4.41
CA GLU A 352 7.18 18.06 4.49
C GLU A 352 6.30 17.94 3.22
N LEU A 353 6.89 17.85 2.03
CA LEU A 353 6.12 17.70 0.78
C LEU A 353 5.34 16.35 0.79
N MET A 354 5.90 15.32 1.42
CA MET A 354 5.22 14.02 1.56
C MET A 354 4.21 14.05 2.72
N LYS A 355 4.65 14.49 3.90
CA LYS A 355 3.82 14.46 5.11
C LYS A 355 2.63 15.47 5.06
N ARG A 356 2.90 16.73 4.80
CA ARG A 356 1.85 17.75 4.74
C ARG A 356 1.35 17.93 3.30
N GLY A 357 2.25 17.94 2.31
CA GLY A 357 1.83 18.13 0.91
C GLY A 357 1.08 16.95 0.31
N ASP A 358 1.29 15.75 0.89
CA ASP A 358 0.69 14.50 0.40
C ASP A 358 1.09 14.20 -1.07
N LEU A 359 2.30 14.58 -1.44
CA LEU A 359 2.78 14.32 -2.79
C LEU A 359 3.43 12.95 -2.85
N PRO A 360 3.41 12.31 -4.03
CA PRO A 360 4.15 11.04 -4.17
C PRO A 360 5.64 11.26 -3.86
N VAL A 361 6.31 10.21 -3.36
CA VAL A 361 7.76 10.28 -3.08
C VAL A 361 8.59 10.87 -4.25
N TRP A 362 8.44 10.30 -5.46
CA TRP A 362 9.24 10.77 -6.62
C TRP A 362 9.09 12.28 -6.85
N LEU A 363 7.83 12.75 -6.88
CA LEU A 363 7.57 14.17 -7.11
C LEU A 363 8.12 15.06 -5.99
N ALA A 364 7.97 14.64 -4.73
CA ALA A 364 8.49 15.35 -3.55
C ALA A 364 10.01 15.51 -3.67
N TYR A 365 10.68 14.42 -4.12
CA TYR A 365 12.13 14.42 -4.34
C TYR A 365 12.54 15.45 -5.39
N GLN A 366 11.88 15.50 -6.57
CA GLN A 366 12.27 16.44 -7.62
C GLN A 366 12.24 17.89 -7.12
N VAL A 367 11.17 18.22 -6.40
CA VAL A 367 10.97 19.59 -5.90
C VAL A 367 12.02 19.93 -4.82
N ALA A 368 12.21 19.05 -3.84
CA ALA A 368 13.17 19.23 -2.75
C ALA A 368 14.61 19.30 -3.29
N SER A 369 14.99 18.40 -4.22
CA SER A 369 16.32 18.36 -4.83
C SER A 369 16.60 19.56 -5.74
N ALA A 370 15.54 20.23 -6.26
CA ALA A 370 15.74 21.44 -7.05
C ALA A 370 15.99 22.69 -6.15
N GLY A 371 15.94 22.54 -4.82
CA GLY A 371 16.16 23.62 -3.87
C GLY A 371 14.96 24.52 -3.66
N ILE A 372 13.77 24.03 -4.01
CA ILE A 372 12.52 24.76 -3.84
C ILE A 372 12.03 24.56 -2.39
N THR A 373 11.53 25.63 -1.76
CA THR A 373 10.99 25.54 -0.39
C THR A 373 9.56 25.03 -0.41
N TYR A 374 9.11 24.47 0.71
CA TYR A 374 7.80 23.83 0.78
C TYR A 374 6.62 24.67 0.26
N THR A 375 6.50 25.94 0.70
CA THR A 375 5.37 26.81 0.36
C THR A 375 5.48 27.49 -1.04
N ASP A 376 6.60 27.29 -1.75
CA ASP A 376 6.81 27.91 -3.05
C ASP A 376 6.21 27.05 -4.14
N ARG A 377 5.05 27.47 -4.68
CA ARG A 377 4.30 26.69 -5.64
C ARG A 377 4.41 27.18 -7.08
N ARG A 378 5.42 28.03 -7.39
CA ARG A 378 5.59 28.51 -8.76
C ARG A 378 5.80 27.35 -9.74
N TRP A 379 6.47 26.26 -9.27
CA TRP A 379 6.73 25.07 -10.07
C TRP A 379 5.46 24.38 -10.57
N CYS A 380 4.29 24.56 -9.89
CA CYS A 380 3.06 23.93 -10.36
C CYS A 380 2.52 24.56 -11.66
N PHE A 381 3.10 25.69 -12.14
CA PHE A 381 2.57 26.43 -13.28
C PHE A 381 3.57 26.69 -14.38
N ASP A 382 4.88 26.37 -14.19
CA ASP A 382 5.88 26.76 -15.19
C ASP A 382 6.51 25.64 -15.98
N GLY A 383 5.86 24.48 -16.03
CA GLY A 383 6.37 23.35 -16.79
C GLY A 383 6.17 23.48 -18.29
N THR A 384 6.64 22.50 -19.07
CA THR A 384 6.45 22.52 -20.53
C THR A 384 4.97 22.33 -20.86
N THR A 385 4.55 22.74 -22.07
CA THR A 385 3.14 22.64 -22.47
C THR A 385 2.61 21.19 -22.42
N ASN A 386 3.47 20.18 -22.68
CA ASN A 386 3.04 18.78 -22.60
C ASN A 386 2.77 18.33 -21.16
N ASN A 387 3.19 19.12 -20.14
CA ASN A 387 2.89 18.80 -18.74
C ASN A 387 1.53 19.34 -18.28
N THR A 388 0.75 20.00 -19.18
CA THR A 388 -0.57 20.52 -18.85
C THR A 388 -1.48 19.41 -18.31
N ILE A 389 -2.07 19.65 -17.14
CA ILE A 389 -2.99 18.68 -16.56
C ILE A 389 -4.37 19.01 -17.14
N MET A 390 -5.08 18.00 -17.62
CA MET A 390 -6.39 18.16 -18.22
C MET A 390 -7.52 17.74 -17.31
N GLU A 391 -8.62 18.47 -17.40
CA GLU A 391 -9.83 18.19 -16.64
CA GLU A 391 -9.82 18.20 -16.65
C GLU A 391 -10.99 18.37 -17.63
N ASP A 392 -11.71 17.27 -17.92
CA ASP A 392 -12.80 17.27 -18.89
C ASP A 392 -12.32 17.65 -20.29
N SER A 393 -11.13 17.16 -20.68
CA SER A 393 -10.48 17.40 -21.97
C SER A 393 -10.18 18.87 -22.28
N VAL A 394 -10.03 19.68 -21.24
CA VAL A 394 -9.67 21.10 -21.29
C VAL A 394 -8.66 21.37 -20.15
N PRO A 395 -7.65 22.25 -20.32
CA PRO A 395 -6.66 22.48 -19.25
C PRO A 395 -7.28 22.78 -17.89
N ALA A 396 -6.81 22.11 -16.83
CA ALA A 396 -7.31 22.37 -15.48
C ALA A 396 -6.81 23.76 -15.06
N GLU A 397 -7.63 24.49 -14.29
CA GLU A 397 -7.24 25.84 -13.86
C GLU A 397 -7.40 26.02 -12.36
N VAL A 398 -6.51 26.80 -11.73
CA VAL A 398 -6.60 27.09 -10.29
C VAL A 398 -6.33 28.57 -10.05
N TRP A 399 -6.87 29.12 -8.96
CA TRP A 399 -6.49 30.46 -8.56
C TRP A 399 -5.26 30.27 -7.67
N THR A 400 -4.18 30.92 -8.03
CA THR A 400 -2.95 30.86 -7.24
C THR A 400 -3.15 31.62 -5.92
N LYS A 401 -2.21 31.44 -4.97
CA LYS A 401 -2.20 32.17 -3.70
C LYS A 401 -2.09 33.70 -3.92
N TYR A 402 -1.69 34.14 -5.13
CA TYR A 402 -1.62 35.57 -5.50
C TYR A 402 -2.97 36.14 -6.02
N GLY A 403 -3.94 35.26 -6.28
CA GLY A 403 -5.26 35.69 -6.77
C GLY A 403 -5.39 35.69 -8.28
N GLU A 404 -4.50 34.97 -8.97
CA GLU A 404 -4.49 34.90 -10.43
C GLU A 404 -4.94 33.51 -10.92
N LYS A 405 -5.80 33.45 -11.97
CA LYS A 405 -6.25 32.19 -12.54
C LYS A 405 -5.14 31.70 -13.47
N ARG A 406 -4.63 30.48 -13.25
CA ARG A 406 -3.56 29.89 -14.07
C ARG A 406 -3.87 28.44 -14.43
N VAL A 407 -3.36 28.03 -15.61
CA VAL A 407 -3.44 26.67 -16.11
C VAL A 407 -2.46 25.82 -15.27
N LEU A 408 -2.93 24.69 -14.78
CA LEU A 408 -2.12 23.75 -14.02
C LEU A 408 -1.14 23.04 -14.98
N LYS A 409 0.14 23.28 -14.81
CA LYS A 409 1.17 22.78 -15.73
C LYS A 409 2.47 22.56 -14.93
N PRO A 410 2.53 21.47 -14.16
CA PRO A 410 3.70 21.28 -13.27
C PRO A 410 5.04 21.08 -13.96
N ARG A 411 6.11 21.64 -13.40
CA ARG A 411 7.48 21.48 -13.94
C ARG A 411 7.86 19.99 -14.02
N TRP A 412 7.40 19.16 -13.05
CA TRP A 412 7.59 17.70 -13.07
C TRP A 412 6.20 17.08 -13.06
N MET A 413 5.96 16.19 -14.00
CA MET A 413 4.67 15.58 -14.14
C MET A 413 4.63 14.18 -13.55
N ASP A 414 3.76 13.96 -12.57
CA ASP A 414 3.58 12.65 -11.99
C ASP A 414 2.09 12.34 -12.12
N ALA A 415 1.73 11.32 -12.93
CA ALA A 415 0.36 10.91 -13.25
C ALA A 415 -0.50 10.59 -12.04
N ARG A 416 0.13 10.29 -10.92
CA ARG A 416 -0.60 9.95 -9.70
C ARG A 416 -1.28 11.15 -9.08
N VAL A 417 -0.84 12.40 -9.40
CA VAL A 417 -1.52 13.57 -8.85
C VAL A 417 -2.85 13.88 -9.57
N CYS A 418 -3.16 13.16 -10.67
CA CYS A 418 -4.38 13.43 -11.41
C CYS A 418 -5.01 12.16 -12.01
N SER A 419 -4.80 11.01 -11.36
CA SER A 419 -5.30 9.68 -11.81
C SER A 419 -6.81 9.46 -11.61
N ASP A 420 -7.41 10.28 -10.77
CA ASP A 420 -8.83 10.24 -10.47
C ASP A 420 -9.30 11.63 -10.01
N HIS A 421 -10.61 11.84 -9.90
CA HIS A 421 -11.16 13.14 -9.48
C HIS A 421 -10.62 13.60 -8.12
N ALA A 422 -10.64 12.72 -7.11
CA ALA A 422 -10.16 13.05 -5.76
C ALA A 422 -8.67 13.50 -5.77
N ALA A 423 -7.80 12.77 -6.50
CA ALA A 423 -6.38 13.08 -6.58
C ALA A 423 -6.18 14.46 -7.21
N LEU A 424 -6.85 14.77 -8.35
CA LEU A 424 -6.67 16.06 -9.00
C LEU A 424 -7.21 17.20 -8.09
N LYS A 425 -8.31 16.95 -7.38
CA LYS A 425 -8.87 17.97 -6.47
C LYS A 425 -7.83 18.32 -5.36
N SER A 426 -7.15 17.29 -4.81
CA SER A 426 -6.12 17.49 -3.77
C SER A 426 -4.92 18.25 -4.37
N PHE A 427 -4.49 17.89 -5.59
CA PHE A 427 -3.35 18.60 -6.22
C PHE A 427 -3.65 20.07 -6.55
N LYS A 428 -4.88 20.40 -6.95
CA LYS A 428 -5.29 21.77 -7.21
C LYS A 428 -5.22 22.61 -5.94
N GLU A 429 -5.65 22.04 -4.81
CA GLU A 429 -5.58 22.68 -3.48
C GLU A 429 -4.13 22.95 -3.11
N PHE A 430 -3.23 21.98 -3.38
CA PHE A 430 -1.78 22.14 -3.16
C PHE A 430 -1.23 23.25 -4.08
N ALA A 431 -1.50 23.19 -5.40
CA ALA A 431 -1.03 24.25 -6.32
C ALA A 431 -1.50 25.67 -5.91
N ALA A 432 -2.66 25.76 -5.26
CA ALA A 432 -3.25 27.05 -4.81
C ALA A 432 -2.67 27.55 -3.47
N GLY A 433 -1.79 26.78 -2.82
CA GLY A 433 -1.23 27.13 -1.53
C GLY A 433 -2.18 26.89 -0.36
N LYS A 434 -3.12 25.96 -0.52
CA LYS A 434 -4.11 25.68 0.54
C LYS A 434 -3.64 24.70 1.62
N ARG A 435 -2.43 24.14 1.48
CA ARG A 435 -1.85 23.28 2.51
C ARG A 435 -0.32 23.23 2.42
#